data_6BXY
#
_entry.id   6BXY
#
_cell.length_a   47.319
_cell.length_b   80.539
_cell.length_c   122.341
_cell.angle_alpha   90.000
_cell.angle_beta   90.000
_cell.angle_gamma   90.000
#
_symmetry.space_group_name_H-M   'P 21 21 21'
#
loop_
_entity.id
_entity.type
_entity.pdbx_description
1 polymer Menin
2 non-polymer 4-methyl-1-{[(2S)-5-oxomorpholin-2-yl]methyl}-5-[(4-{[6-(2,2,2-trifluoroethyl)thieno[2,3-d]pyrimidin-4-yl]amino}piperidin-1-yl)methyl]-1H-indole-2-carbonitrile
3 non-polymer 'DIMETHYL SULFOXIDE'
4 non-polymer 'TETRAETHYLENE GLYCOL'
5 non-polymer 'SULFATE ION'
6 non-polymer 1,2-ETHANEDIOL
7 water water
#
_entity_poly.entity_id   1
_entity_poly.type   'polypeptide(L)'
_entity_poly.pdbx_seq_one_letter_code
;GGSSSMGLKAAQKTLFPLRSIDDVVRLFAAELGREEPDLVLLSLVLGFVEHFLAVNRVGLTYFPVADLSIIAALYARFTA
QIRGAVDLSLYPREGGVSSRELVKKVSDVIWNSLSRSYFKDRAHIQSLFSFITGTKLDSSGVAFAVVGACQALGLRDVHL
ALSEDHAWVVFGPNGEQTAEVTWHGKGNEDRRGQTVNAGVAERSWLYLKGSYMRCDRKMEVAFMVCAINPSIDLHTDSLE
LLQLQQKLLWLLYDLGHLERYPMALGNLADLEELEPTPGRPDPLTLYHKGIASAKTYYRDEHIYPYMYLAGYHCRNRNVR
EALQAWADTATVIQDYNYCREDEEIYKEFFEVANDVIPNLLKEAASLLEAGSQGSALQDPECFAHLLRFYDGICKWEEGS
PTPVLHVGWATFLVQSLGRFEGQVRQKVRIVSVPAPAASPPPEGPVLTFQSEKMKGMKELLVATKINSSAIKLQLTAQSQ
VQMKKQKVS
;
_entity_poly.pdbx_strand_id   A
#
loop_
_chem_comp.id
_chem_comp.type
_chem_comp.name
_chem_comp.formula
DMS non-polymer 'DIMETHYL SULFOXIDE' 'C2 H6 O S'
EDO non-polymer 1,2-ETHANEDIOL 'C2 H6 O2'
EEV non-polymer 4-methyl-1-{[(2S)-5-oxomorpholin-2-yl]methyl}-5-[(4-{[6-(2,2,2-trifluoroethyl)thieno[2,3-d]pyrimidin-4-yl]amino}piperidin-1-yl)methyl]-1H-indole-2-carbonitrile 'C29 H30 F3 N7 O2 S'
PG4 non-polymer 'TETRAETHYLENE GLYCOL' 'C8 H18 O5'
SO4 non-polymer 'SULFATE ION' 'O4 S -2'
#
# COMPACT_ATOMS: atom_id res chain seq x y z
N GLY A 7 13.06 1.51 -28.92
CA GLY A 7 13.57 0.65 -29.96
C GLY A 7 12.62 -0.38 -30.55
N LEU A 8 12.80 -1.66 -30.21
CA LEU A 8 13.80 -2.13 -29.25
C LEU A 8 15.23 -1.97 -29.75
N LYS A 9 16.14 -1.59 -28.87
CA LYS A 9 17.54 -1.51 -29.25
C LYS A 9 18.13 -2.91 -29.32
N ALA A 10 19.20 -3.04 -30.12
CA ALA A 10 19.84 -4.34 -30.26
C ALA A 10 20.19 -4.93 -28.90
N ALA A 11 20.74 -4.11 -28.02
CA ALA A 11 21.25 -4.60 -26.74
C ALA A 11 20.13 -5.11 -25.86
N GLN A 12 18.91 -4.60 -26.05
CA GLN A 12 17.75 -5.06 -25.29
C GLN A 12 17.28 -6.45 -25.70
N LYS A 13 17.78 -7.00 -26.81
CA LYS A 13 17.21 -8.22 -27.38
C LYS A 13 18.09 -9.44 -27.26
N THR A 14 19.34 -9.29 -26.83
CA THR A 14 20.29 -10.39 -26.85
C THR A 14 19.94 -11.50 -25.85
N LEU A 15 19.11 -11.25 -24.83
CA LEU A 15 18.82 -12.31 -23.87
C LEU A 15 17.69 -13.23 -24.32
N PHE A 16 16.98 -12.87 -25.36
CA PHE A 16 15.84 -13.65 -25.76
C PHE A 16 16.30 -14.88 -26.54
N PRO A 17 15.57 -16.00 -26.45
CA PRO A 17 14.31 -16.13 -25.70
C PRO A 17 14.55 -16.24 -24.22
N LEU A 18 13.60 -15.76 -23.39
CA LEU A 18 13.71 -15.95 -21.94
C LEU A 18 13.15 -17.31 -21.63
N ARG A 19 13.94 -18.17 -20.97
CA ARG A 19 13.57 -19.55 -20.78
C ARG A 19 13.40 -19.95 -19.31
N SER A 20 13.50 -19.01 -18.38
CA SER A 20 13.60 -19.31 -16.97
C SER A 20 13.33 -18.03 -16.20
N ILE A 21 12.92 -18.16 -14.93
CA ILE A 21 12.80 -16.93 -14.16
C ILE A 21 14.16 -16.27 -13.98
N ASP A 22 15.23 -17.07 -13.95
CA ASP A 22 16.56 -16.46 -13.87
C ASP A 22 16.87 -15.64 -15.12
N ASP A 23 16.39 -16.07 -16.31
CA ASP A 23 16.59 -15.25 -17.52
C ASP A 23 15.86 -13.92 -17.41
N VAL A 24 14.69 -13.93 -16.78
CA VAL A 24 13.96 -12.67 -16.57
C VAL A 24 14.76 -11.75 -15.66
N VAL A 25 15.26 -12.28 -14.56
CA VAL A 25 16.11 -11.50 -13.67
C VAL A 25 17.31 -10.90 -14.41
N ARG A 26 17.97 -11.69 -15.27
CA ARG A 26 19.08 -11.11 -16.04
C ARG A 26 18.61 -9.95 -16.92
N LEU A 27 17.38 -10.03 -17.46
CA LEU A 27 16.87 -8.96 -18.29
C LEU A 27 16.61 -7.70 -17.44
N PHE A 28 16.00 -7.86 -16.27
CA PHE A 28 15.84 -6.70 -15.37
C PHE A 28 17.21 -6.11 -14.96
N ALA A 29 18.19 -6.96 -14.64
CA ALA A 29 19.52 -6.48 -14.25
C ALA A 29 20.15 -5.66 -15.38
N ALA A 30 19.99 -6.13 -16.62
CA ALA A 30 20.56 -5.40 -17.76
C ALA A 30 19.86 -4.04 -17.90
N GLU A 31 18.52 -4.00 -17.81
CA GLU A 31 17.82 -2.74 -17.97
C GLU A 31 18.13 -1.79 -16.82
N LEU A 32 18.23 -2.32 -15.61
CA LEU A 32 18.54 -1.48 -14.45
C LEU A 32 19.97 -0.92 -14.54
N GLY A 33 20.82 -1.50 -15.37
CA GLY A 33 22.14 -0.99 -15.63
C GLY A 33 22.20 0.05 -16.72
N ARG A 34 21.09 0.28 -17.40
CA ARG A 34 21.10 1.23 -18.51
C ARG A 34 20.82 2.64 -18.00
N GLU A 35 21.01 3.59 -18.91
CA GLU A 35 20.68 4.98 -18.63
C GLU A 35 19.31 5.10 -17.96
N GLU A 36 18.27 4.55 -18.61
CA GLU A 36 16.86 4.51 -18.25
C GLU A 36 16.31 3.12 -18.56
N PRO A 37 15.92 2.34 -17.56
CA PRO A 37 15.34 1.03 -17.85
C PRO A 37 14.04 1.20 -18.60
N ASP A 38 13.82 0.34 -19.59
CA ASP A 38 12.65 0.41 -20.47
C ASP A 38 11.41 -0.14 -19.73
N LEU A 39 10.54 0.75 -19.24
CA LEU A 39 9.34 0.29 -18.51
C LEU A 39 8.43 -0.56 -19.37
N VAL A 40 8.30 -0.21 -20.66
CA VAL A 40 7.33 -0.89 -21.51
C VAL A 40 7.79 -2.33 -21.73
N LEU A 41 9.05 -2.49 -22.11
CA LEU A 41 9.62 -3.83 -22.28
C LEU A 41 9.41 -4.67 -21.03
N LEU A 42 9.86 -4.12 -19.90
CA LEU A 42 9.85 -4.89 -18.66
C LEU A 42 8.44 -5.27 -18.22
N SER A 43 7.50 -4.32 -18.30
CA SER A 43 6.11 -4.62 -17.93
C SER A 43 5.51 -5.65 -18.91
N LEU A 44 5.83 -5.54 -20.19
CA LEU A 44 5.27 -6.52 -21.14
C LEU A 44 5.75 -7.93 -20.79
N VAL A 45 7.03 -8.05 -20.46
CA VAL A 45 7.58 -9.35 -20.14
C VAL A 45 6.94 -9.90 -18.86
N LEU A 46 6.89 -9.08 -17.81
CA LEU A 46 6.23 -9.55 -16.59
C LEU A 46 4.79 -9.96 -16.88
N GLY A 47 4.06 -9.16 -17.67
CA GLY A 47 2.67 -9.48 -17.97
C GLY A 47 2.54 -10.75 -18.78
N PHE A 48 3.43 -10.94 -19.77
CA PHE A 48 3.41 -12.18 -20.55
C PHE A 48 3.59 -13.39 -19.63
N VAL A 49 4.58 -13.32 -18.74
CA VAL A 49 4.88 -14.46 -17.87
C VAL A 49 3.71 -14.72 -16.93
N GLU A 50 3.16 -13.65 -16.35
CA GLU A 50 2.03 -13.81 -15.44
C GLU A 50 0.80 -14.35 -16.17
N HIS A 51 0.63 -13.96 -17.43
CA HIS A 51 -0.48 -14.47 -18.21
C HIS A 51 -0.45 -16.00 -18.26
N PHE A 52 0.71 -16.56 -18.56
CA PHE A 52 0.80 -17.99 -18.74
C PHE A 52 1.07 -18.76 -17.43
N LEU A 53 1.45 -18.09 -16.35
CA LEU A 53 1.56 -18.79 -15.08
C LEU A 53 0.34 -18.61 -14.17
N ALA A 54 -0.43 -17.53 -14.32
CA ALA A 54 -1.59 -17.29 -13.48
C ALA A 54 -2.94 -17.22 -14.20
N VAL A 55 -3.00 -16.80 -15.45
CA VAL A 55 -4.29 -16.58 -16.13
C VAL A 55 -4.67 -17.76 -17.01
N ASN A 56 -3.76 -18.16 -17.90
CA ASN A 56 -4.07 -19.24 -18.83
C ASN A 56 -2.89 -20.21 -18.81
N ARG A 57 -2.97 -21.25 -17.97
CA ARG A 57 -1.82 -22.15 -17.77
C ARG A 57 -1.84 -23.30 -18.78
N VAL A 58 -1.59 -22.92 -20.03
CA VAL A 58 -1.63 -23.80 -21.18
C VAL A 58 -0.24 -24.10 -21.73
N GLY A 59 0.82 -23.51 -21.16
CA GLY A 59 2.16 -23.82 -21.62
C GLY A 59 2.51 -25.28 -21.42
N LEU A 60 3.47 -25.73 -22.21
CA LEU A 60 3.96 -27.12 -22.17
C LEU A 60 5.33 -27.25 -21.51
N THR A 61 5.84 -26.17 -20.90
CA THR A 61 7.09 -26.18 -20.15
C THR A 61 6.85 -25.44 -18.85
N TYR A 62 7.78 -25.66 -17.92
CA TYR A 62 7.72 -25.03 -16.60
C TYR A 62 7.62 -23.54 -16.72
N PHE A 63 8.52 -22.97 -17.50
CA PHE A 63 8.53 -21.52 -17.64
C PHE A 63 8.01 -21.20 -19.02
N PRO A 64 7.13 -20.24 -19.16
CA PRO A 64 6.57 -19.99 -20.48
C PRO A 64 7.55 -19.23 -21.37
N VAL A 65 8.25 -19.94 -22.24
CA VAL A 65 9.31 -19.30 -23.00
C VAL A 65 8.80 -18.05 -23.71
N ALA A 66 9.52 -16.95 -23.51
CA ALA A 66 9.17 -15.64 -24.06
C ALA A 66 10.02 -15.40 -25.29
N ASP A 67 9.42 -15.57 -26.47
CA ASP A 67 10.17 -15.39 -27.71
C ASP A 67 10.24 -13.90 -28.06
N LEU A 68 11.40 -13.48 -28.57
CA LEU A 68 11.56 -12.08 -28.92
C LEU A 68 10.50 -11.65 -29.94
N SER A 69 10.15 -12.53 -30.89
CA SER A 69 9.24 -12.07 -31.93
C SER A 69 7.91 -11.66 -31.32
N ILE A 70 7.47 -12.34 -30.27
CA ILE A 70 6.18 -12.01 -29.65
C ILE A 70 6.28 -10.73 -28.83
N ILE A 71 7.31 -10.64 -28.01
CA ILE A 71 7.45 -9.45 -27.18
C ILE A 71 7.68 -8.23 -28.05
N ALA A 72 8.52 -8.37 -29.08
CA ALA A 72 8.78 -7.23 -29.96
C ALA A 72 7.52 -6.75 -30.65
N ALA A 73 6.64 -7.68 -31.06
CA ALA A 73 5.42 -7.27 -31.75
C ALA A 73 4.51 -6.49 -30.81
N LEU A 74 4.35 -6.97 -29.58
CA LEU A 74 3.54 -6.25 -28.59
C LEU A 74 4.15 -4.89 -28.28
N TYR A 75 5.46 -4.84 -28.07
CA TYR A 75 6.14 -3.58 -27.85
C TYR A 75 5.90 -2.59 -28.99
N ALA A 76 6.05 -3.06 -30.25
CA ALA A 76 5.87 -2.16 -31.37
C ALA A 76 4.42 -1.72 -31.49
N ARG A 77 3.46 -2.57 -31.07
CA ARG A 77 2.05 -2.19 -31.11
C ARG A 77 1.76 -1.04 -30.15
N PHE A 78 2.22 -1.19 -28.91
CA PHE A 78 2.11 -0.11 -27.91
C PHE A 78 2.74 1.18 -28.42
N THR A 79 4.02 1.12 -28.80
CA THR A 79 4.72 2.36 -29.11
C THR A 79 4.11 3.04 -30.32
N ALA A 80 3.70 2.27 -31.31
CA ALA A 80 3.07 2.88 -32.46
C ALA A 80 1.70 3.47 -32.10
N GLN A 81 0.94 2.78 -31.26
CA GLN A 81 -0.33 3.33 -30.79
C GLN A 81 -0.12 4.68 -30.12
N ILE A 82 0.80 4.74 -29.15
CA ILE A 82 1.05 5.99 -28.42
C ILE A 82 1.59 7.04 -29.37
N ARG A 83 2.58 6.67 -30.18
CA ARG A 83 3.17 7.71 -31.03
C ARG A 83 2.18 8.24 -32.07
N GLY A 84 1.31 7.38 -32.59
CA GLY A 84 0.34 7.83 -33.56
C GLY A 84 -0.74 8.73 -32.96
N ALA A 85 -1.10 8.50 -31.70
CA ALA A 85 -2.21 9.20 -31.07
C ALA A 85 -1.77 10.48 -30.36
N VAL A 86 -0.53 10.54 -29.88
CA VAL A 86 -0.02 11.73 -29.19
C VAL A 86 0.90 12.45 -30.17
N ASP A 87 0.43 13.51 -30.74
CA ASP A 87 1.24 14.25 -31.70
C ASP A 87 2.03 15.31 -30.93
N LEU A 88 3.33 15.05 -30.69
CA LEU A 88 4.16 15.95 -29.90
C LEU A 88 4.34 17.30 -30.57
N SER A 89 4.26 17.33 -31.90
CA SER A 89 4.35 18.60 -32.62
C SER A 89 3.31 19.57 -32.10
N LEU A 90 2.18 19.08 -31.63
CA LEU A 90 1.18 20.02 -31.13
C LEU A 90 1.49 20.55 -29.74
N TYR A 91 2.54 20.05 -29.07
CA TYR A 91 2.86 20.38 -27.67
C TYR A 91 4.32 20.79 -27.59
N PRO A 92 4.64 22.06 -27.84
CA PRO A 92 6.04 22.50 -27.71
C PRO A 92 6.52 22.29 -26.28
N ARG A 93 7.71 21.69 -26.15
CA ARG A 93 8.25 21.32 -24.86
C ARG A 93 9.28 22.36 -24.43
N GLU A 94 9.16 22.81 -23.18
CA GLU A 94 9.87 23.97 -22.67
C GLU A 94 11.35 23.72 -22.36
N GLY A 95 11.97 22.67 -22.90
CA GLY A 95 13.33 22.38 -22.49
C GLY A 95 13.32 21.37 -21.36
N GLY A 96 13.08 20.11 -21.71
CA GLY A 96 13.01 19.05 -20.74
C GLY A 96 11.81 19.09 -19.82
N VAL A 97 10.85 19.98 -20.07
CA VAL A 97 9.63 20.11 -19.26
C VAL A 97 8.42 19.77 -20.13
N SER A 98 7.65 18.78 -19.70
CA SER A 98 6.40 18.43 -20.35
C SER A 98 5.30 19.39 -19.88
N SER A 99 4.40 19.77 -20.78
CA SER A 99 3.31 20.65 -20.41
C SER A 99 2.15 19.83 -19.85
N ARG A 100 1.30 20.49 -19.08
CA ARG A 100 0.15 19.80 -18.49
C ARG A 100 -0.77 19.26 -19.58
N GLU A 101 -0.91 20.01 -20.68
CA GLU A 101 -1.73 19.52 -21.79
C GLU A 101 -1.19 18.23 -22.38
N LEU A 102 0.13 18.17 -22.59
CA LEU A 102 0.74 16.97 -23.12
C LEU A 102 0.49 15.79 -22.19
N VAL A 103 0.66 15.98 -20.87
CA VAL A 103 0.46 14.87 -19.94
C VAL A 103 -1.01 14.43 -19.94
N LYS A 104 -1.93 15.39 -19.88
CA LYS A 104 -3.35 15.08 -20.02
C LYS A 104 -3.65 14.34 -21.33
N LYS A 105 -3.01 14.74 -22.43
CA LYS A 105 -3.24 14.05 -23.71
C LYS A 105 -2.80 12.58 -23.63
N VAL A 106 -1.62 12.33 -23.05
CA VAL A 106 -1.20 10.93 -22.87
C VAL A 106 -2.20 10.19 -21.98
N SER A 107 -2.58 10.77 -20.83
CA SER A 107 -3.59 10.12 -20.01
C SER A 107 -4.89 9.83 -20.78
N ASP A 108 -5.37 10.78 -21.60
CA ASP A 108 -6.61 10.56 -22.36
C ASP A 108 -6.44 9.43 -23.37
N VAL A 109 -5.28 9.36 -24.02
CA VAL A 109 -5.05 8.29 -25.01
C VAL A 109 -5.13 6.92 -24.33
N ILE A 110 -4.53 6.79 -23.13
CA ILE A 110 -4.63 5.51 -22.39
C ILE A 110 -6.07 5.25 -21.99
N TRP A 111 -6.71 6.26 -21.38
CA TRP A 111 -8.07 6.10 -20.86
C TRP A 111 -9.03 5.71 -21.97
N ASN A 112 -8.95 6.41 -23.11
CA ASN A 112 -9.90 6.22 -24.21
C ASN A 112 -9.70 4.89 -24.91
N SER A 113 -8.56 4.23 -24.69
CA SER A 113 -8.27 2.92 -25.28
C SER A 113 -8.85 1.76 -24.50
N LEU A 114 -9.28 1.99 -23.25
CA LEU A 114 -9.76 0.94 -22.36
C LEU A 114 -11.14 0.44 -22.79
N SER A 115 -11.36 -0.88 -22.64
CA SER A 115 -12.68 -1.44 -22.87
C SER A 115 -13.70 -0.65 -22.06
N ARG A 116 -14.87 -0.46 -22.66
CA ARG A 116 -15.93 0.35 -22.05
C ARG A 116 -16.52 -0.31 -20.80
N SER A 117 -16.34 -1.60 -20.62
CA SER A 117 -16.91 -2.27 -19.47
C SER A 117 -16.07 -3.49 -19.12
N TYR A 118 -15.67 -3.56 -17.86
CA TYR A 118 -14.96 -4.68 -17.27
C TYR A 118 -14.92 -4.48 -15.76
N PHE A 119 -14.50 -5.53 -15.04
CA PHE A 119 -14.26 -5.46 -13.59
C PHE A 119 -12.93 -4.78 -13.33
N LYS A 120 -12.97 -3.57 -12.74
CA LYS A 120 -11.75 -2.75 -12.61
C LYS A 120 -10.84 -3.23 -11.50
N ASP A 121 -11.31 -4.10 -10.62
CA ASP A 121 -10.49 -4.67 -9.55
C ASP A 121 -10.17 -6.15 -9.80
N ARG A 122 -10.33 -6.61 -11.04
CA ARG A 122 -9.90 -7.97 -11.41
C ARG A 122 -8.39 -8.08 -11.22
N ALA A 123 -7.93 -9.30 -10.95
CA ALA A 123 -6.50 -9.60 -10.91
C ALA A 123 -5.90 -9.66 -12.31
N HIS A 124 -4.59 -9.48 -12.40
CA HIS A 124 -3.85 -9.67 -13.65
C HIS A 124 -4.24 -8.67 -14.74
N ILE A 125 -4.72 -7.48 -14.37
CA ILE A 125 -4.89 -6.41 -15.36
C ILE A 125 -4.03 -5.20 -15.00
N GLN A 126 -2.83 -5.46 -14.51
CA GLN A 126 -2.00 -4.36 -14.04
C GLN A 126 -0.93 -3.96 -15.06
N SER A 127 -0.59 -4.82 -16.00
CA SER A 127 0.63 -4.65 -16.79
C SER A 127 0.29 -4.13 -18.16
N LEU A 128 1.34 -3.69 -18.88
CA LEU A 128 1.12 -3.26 -20.27
C LEU A 128 0.73 -4.44 -21.14
N PHE A 129 1.06 -5.67 -20.72
CA PHE A 129 0.56 -6.82 -21.47
C PHE A 129 -0.96 -6.86 -21.47
N SER A 130 -1.60 -6.57 -20.32
CA SER A 130 -3.06 -6.52 -20.25
C SER A 130 -3.62 -5.33 -21.04
N PHE A 131 -2.94 -4.20 -21.00
CA PHE A 131 -3.40 -3.05 -21.78
C PHE A 131 -3.38 -3.37 -23.27
N ILE A 132 -2.33 -4.04 -23.72
CA ILE A 132 -2.19 -4.19 -25.16
C ILE A 132 -3.08 -5.32 -25.68
N THR A 133 -3.20 -6.40 -24.94
CA THR A 133 -3.95 -7.54 -25.46
C THR A 133 -5.42 -7.50 -25.06
N GLY A 134 -5.75 -6.95 -23.89
CA GLY A 134 -7.11 -6.94 -23.36
C GLY A 134 -7.79 -5.56 -23.23
N THR A 135 -7.05 -4.49 -23.52
CA THR A 135 -7.47 -3.08 -23.30
C THR A 135 -8.11 -2.92 -21.93
N LYS A 136 -7.51 -3.59 -20.94
CA LYS A 136 -7.97 -3.43 -19.57
C LYS A 136 -6.81 -3.14 -18.64
N LEU A 137 -7.04 -2.21 -17.72
CA LEU A 137 -6.07 -1.91 -16.67
C LEU A 137 -6.81 -1.63 -15.38
N ASP A 138 -6.14 -1.91 -14.28
CA ASP A 138 -6.70 -1.46 -13.00
C ASP A 138 -6.23 -0.04 -12.70
N SER A 139 -6.65 0.54 -11.57
CA SER A 139 -6.50 1.99 -11.41
CA SER A 139 -6.50 1.99 -11.38
C SER A 139 -5.02 2.40 -11.45
N SER A 140 -4.18 1.76 -10.64
CA SER A 140 -2.77 2.19 -10.62
C SER A 140 -2.08 1.75 -11.91
N GLY A 141 -2.61 0.70 -12.57
CA GLY A 141 -2.09 0.28 -13.87
C GLY A 141 -2.25 1.38 -14.92
N VAL A 142 -3.34 2.15 -14.87
CA VAL A 142 -3.48 3.28 -15.79
C VAL A 142 -2.36 4.28 -15.55
N ALA A 143 -2.13 4.67 -14.28
CA ALA A 143 -1.05 5.61 -14.01
C ALA A 143 0.30 5.08 -14.51
N PHE A 144 0.58 3.81 -14.25
CA PHE A 144 1.86 3.26 -14.73
C PHE A 144 1.95 3.30 -16.25
N ALA A 145 0.84 2.96 -16.94
CA ALA A 145 0.86 2.99 -18.40
C ALA A 145 1.06 4.40 -18.95
N VAL A 146 0.49 5.41 -18.29
CA VAL A 146 0.77 6.78 -18.70
C VAL A 146 2.27 7.06 -18.61
N VAL A 147 2.89 6.59 -17.53
CA VAL A 147 4.32 6.87 -17.38
C VAL A 147 5.13 6.11 -18.42
N GLY A 148 4.81 4.84 -18.64
CA GLY A 148 5.51 4.11 -19.71
C GLY A 148 5.30 4.75 -21.08
N ALA A 149 4.10 5.21 -21.36
CA ALA A 149 3.88 5.92 -22.63
C ALA A 149 4.69 7.21 -22.71
N CYS A 150 4.75 7.97 -21.62
CA CYS A 150 5.58 9.18 -21.64
C CYS A 150 7.07 8.84 -21.84
N GLN A 151 7.57 7.79 -21.17
CA GLN A 151 8.94 7.35 -21.48
C GLN A 151 9.11 7.01 -22.97
N ALA A 152 8.16 6.24 -23.53
CA ALA A 152 8.27 5.89 -24.95
C ALA A 152 8.30 7.12 -25.84
N LEU A 153 7.64 8.18 -25.41
CA LEU A 153 7.65 9.43 -26.18
C LEU A 153 8.86 10.31 -25.89
N GLY A 154 9.75 9.91 -24.98
CA GLY A 154 10.91 10.73 -24.68
C GLY A 154 10.68 11.78 -23.61
N LEU A 155 9.63 11.65 -22.81
CA LEU A 155 9.29 12.64 -21.81
C LEU A 155 9.92 12.24 -20.48
N ARG A 156 11.22 12.58 -20.36
CA ARG A 156 12.02 12.08 -19.25
C ARG A 156 11.62 12.67 -17.91
N ASP A 157 10.84 13.78 -17.91
CA ASP A 157 10.46 14.40 -16.64
C ASP A 157 9.20 13.78 -16.02
N VAL A 158 8.48 12.93 -16.75
CA VAL A 158 7.20 12.42 -16.25
C VAL A 158 7.46 11.18 -15.43
N HIS A 159 6.95 11.16 -14.19
CA HIS A 159 7.27 10.09 -13.26
C HIS A 159 6.03 9.69 -12.51
N LEU A 160 6.06 8.47 -12.00
CA LEU A 160 4.96 7.92 -11.22
C LEU A 160 5.04 8.47 -9.80
N ALA A 161 3.90 8.89 -9.27
CA ALA A 161 3.79 9.26 -7.85
C ALA A 161 2.84 8.26 -7.20
N LEU A 162 3.18 7.82 -6.01
CA LEU A 162 2.51 6.71 -5.35
C LEU A 162 2.21 7.11 -3.92
N SER A 163 0.97 7.00 -3.53
CA SER A 163 0.66 7.01 -2.11
C SER A 163 0.37 5.59 -1.64
N GLU A 164 -0.20 5.46 -0.44
CA GLU A 164 -0.42 4.08 0.00
C GLU A 164 -1.69 3.51 -0.57
N ASP A 165 -2.51 4.31 -1.25
CA ASP A 165 -3.69 3.74 -1.92
C ASP A 165 -4.06 4.46 -3.21
N HIS A 166 -3.14 5.16 -3.84
CA HIS A 166 -3.49 5.86 -5.06
C HIS A 166 -2.20 6.12 -5.83
N ALA A 167 -2.34 6.43 -7.12
CA ALA A 167 -1.21 6.74 -7.99
C ALA A 167 -1.58 7.88 -8.93
N TRP A 168 -0.59 8.70 -9.31
CA TRP A 168 -0.78 9.82 -10.23
C TRP A 168 0.59 10.10 -10.86
N VAL A 169 0.76 11.24 -11.52
CA VAL A 169 2.06 11.56 -12.09
C VAL A 169 2.53 12.92 -11.64
N VAL A 170 3.85 13.06 -11.63
CA VAL A 170 4.53 14.32 -11.41
C VAL A 170 5.38 14.64 -12.63
N PHE A 171 5.58 15.93 -12.89
CA PHE A 171 6.32 16.29 -14.09
C PHE A 171 6.85 17.70 -13.90
N GLY A 172 7.61 18.17 -14.89
CA GLY A 172 8.22 19.49 -14.77
C GLY A 172 9.44 19.47 -13.87
N PRO A 173 9.97 20.66 -13.58
CA PRO A 173 11.26 20.75 -12.89
C PRO A 173 11.19 20.15 -11.51
N ASN A 174 12.11 19.23 -11.21
CA ASN A 174 12.11 18.54 -9.93
C ASN A 174 10.77 17.88 -9.64
N GLY A 175 9.97 17.59 -10.67
CA GLY A 175 8.69 16.98 -10.40
C GLY A 175 7.71 17.89 -9.67
N GLU A 176 7.72 19.21 -9.97
CA GLU A 176 6.91 20.09 -9.16
C GLU A 176 5.42 20.10 -9.57
N GLN A 177 5.09 19.75 -10.81
CA GLN A 177 3.67 19.64 -11.19
C GLN A 177 3.14 18.24 -10.95
N THR A 178 1.90 18.15 -10.46
CA THR A 178 1.18 16.89 -10.33
C THR A 178 -0.05 16.89 -11.23
N ALA A 179 -0.43 15.70 -11.67
CA ALA A 179 -1.65 15.56 -12.44
C ALA A 179 -2.29 14.22 -12.07
N GLU A 180 -3.58 14.28 -11.80
CA GLU A 180 -4.37 13.05 -11.71
C GLU A 180 -4.49 12.45 -13.11
N VAL A 181 -4.27 11.13 -13.22
CA VAL A 181 -4.40 10.47 -14.51
C VAL A 181 -5.28 9.21 -14.39
N THR A 182 -5.68 8.82 -13.18
CA THR A 182 -6.50 7.62 -13.10
C THR A 182 -7.62 7.86 -12.08
N TRP A 183 -8.45 6.84 -11.85
CA TRP A 183 -9.58 6.99 -10.94
C TRP A 183 -9.19 6.50 -9.58
N HIS A 184 -10.01 6.81 -8.58
CA HIS A 184 -9.81 6.18 -7.28
C HIS A 184 -11.15 5.77 -6.70
N GLY A 185 -11.16 4.67 -5.96
CA GLY A 185 -12.38 4.23 -5.35
C GLY A 185 -13.27 3.70 -6.46
N LYS A 186 -14.50 4.19 -6.51
CA LYS A 186 -15.42 3.78 -7.57
C LYS A 186 -16.43 4.87 -7.80
N GLY A 187 -16.54 5.33 -9.05
CA GLY A 187 -17.55 6.31 -9.44
C GLY A 187 -17.53 7.61 -8.68
N ASN A 188 -16.34 8.13 -8.39
CA ASN A 188 -16.18 9.32 -7.58
C ASN A 188 -16.00 10.52 -8.52
N GLU A 189 -15.03 11.40 -8.30
CA GLU A 189 -14.85 12.56 -9.16
C GLU A 189 -14.02 12.22 -10.40
N ASP A 190 -14.14 13.06 -11.42
CA ASP A 190 -13.33 12.93 -12.63
C ASP A 190 -12.22 13.98 -12.61
N ARG A 191 -11.31 13.88 -11.62
CA ARG A 191 -10.34 14.93 -11.39
C ARG A 191 -9.13 14.82 -12.30
N ARG A 192 -9.20 14.02 -13.38
CA ARG A 192 -8.04 13.83 -14.24
C ARG A 192 -7.55 15.18 -14.75
N GLY A 193 -6.25 15.36 -14.74
CA GLY A 193 -5.65 16.61 -15.15
C GLY A 193 -5.47 17.61 -14.02
N GLN A 194 -6.16 17.42 -12.89
CA GLN A 194 -6.01 18.31 -11.75
C GLN A 194 -4.73 18.01 -10.98
N THR A 195 -4.26 18.99 -10.19
CA THR A 195 -3.22 18.67 -9.22
C THR A 195 -3.77 17.91 -8.01
N VAL A 196 -2.86 17.44 -7.16
CA VAL A 196 -3.22 16.84 -5.89
C VAL A 196 -3.15 17.84 -4.73
N ASN A 197 -3.05 19.15 -5.01
CA ASN A 197 -2.80 20.10 -3.94
C ASN A 197 -3.93 20.16 -2.93
N ALA A 198 -5.16 19.99 -3.40
CA ALA A 198 -6.28 20.03 -2.45
C ALA A 198 -6.19 18.87 -1.48
N GLY A 199 -5.84 17.67 -2.00
CA GLY A 199 -5.71 16.49 -1.14
C GLY A 199 -4.56 16.63 -0.17
N VAL A 200 -3.46 17.21 -0.63
CA VAL A 200 -2.36 17.50 0.28
C VAL A 200 -2.79 18.48 1.36
N ALA A 201 -3.41 19.62 0.95
CA ALA A 201 -3.78 20.67 1.90
C ALA A 201 -4.79 20.21 2.94
N GLU A 202 -5.68 19.26 2.59
CA GLU A 202 -6.72 18.78 3.51
C GLU A 202 -6.24 17.69 4.47
N ARG A 203 -4.97 17.29 4.35
CA ARG A 203 -4.37 16.28 5.23
CA ARG A 203 -4.36 16.27 5.22
C ARG A 203 -5.13 14.95 5.13
N SER A 204 -5.58 14.62 3.92
CA SER A 204 -6.15 13.29 3.69
C SER A 204 -5.06 12.24 3.52
N TRP A 205 -5.22 11.09 4.19
CA TRP A 205 -4.21 10.04 4.10
C TRP A 205 -3.89 9.67 2.66
N LEU A 206 -4.87 9.77 1.78
CA LEU A 206 -4.64 9.34 0.39
C LEU A 206 -3.49 10.11 -0.29
N TYR A 207 -3.23 11.36 0.15
CA TYR A 207 -2.12 12.13 -0.43
C TYR A 207 -0.97 12.35 0.54
N LEU A 208 -1.02 11.71 1.72
CA LEU A 208 0.14 11.57 2.64
C LEU A 208 0.73 12.92 3.04
N LYS A 209 -0.09 13.96 3.13
CA LYS A 209 0.38 15.30 3.49
C LYS A 209 1.55 15.74 2.61
N GLY A 210 1.60 15.23 1.37
CA GLY A 210 2.72 15.61 0.50
C GLY A 210 3.95 14.72 0.65
N SER A 211 3.97 13.80 1.61
CA SER A 211 5.10 12.91 1.76
C SER A 211 4.83 11.61 1.02
N TYR A 212 4.39 11.73 -0.22
CA TYR A 212 4.19 10.53 -1.03
C TYR A 212 5.46 10.24 -1.83
N MET A 213 5.48 9.07 -2.45
CA MET A 213 6.65 8.63 -3.19
C MET A 213 6.71 9.34 -4.53
N ARG A 214 7.85 9.92 -4.86
CA ARG A 214 8.05 10.47 -6.22
C ARG A 214 9.11 9.58 -6.88
N CYS A 215 8.66 8.70 -7.76
CA CYS A 215 9.54 7.69 -8.33
C CYS A 215 10.54 8.28 -9.33
N ASP A 216 11.74 7.71 -9.35
CA ASP A 216 12.59 7.80 -10.50
C ASP A 216 12.34 6.53 -11.32
N ARG A 217 13.03 6.36 -12.43
CA ARG A 217 12.66 5.24 -13.29
C ARG A 217 12.94 3.90 -12.61
N LYS A 218 13.97 3.84 -11.77
CA LYS A 218 14.27 2.58 -11.10
CA LYS A 218 14.25 2.57 -11.13
C LYS A 218 13.21 2.24 -10.07
N MET A 219 12.61 3.26 -9.41
CA MET A 219 11.51 2.99 -8.49
C MET A 219 10.26 2.58 -9.25
N GLU A 220 10.13 3.05 -10.49
CA GLU A 220 9.03 2.59 -11.34
C GLU A 220 9.19 1.12 -11.69
N VAL A 221 10.40 0.65 -11.88
CA VAL A 221 10.62 -0.81 -11.98
C VAL A 221 10.22 -1.53 -10.69
N ALA A 222 10.60 -0.97 -9.54
CA ALA A 222 10.23 -1.57 -8.26
C ALA A 222 8.72 -1.67 -8.12
N PHE A 223 7.99 -0.63 -8.57
CA PHE A 223 6.54 -0.71 -8.54
C PHE A 223 6.00 -1.88 -9.37
N MET A 224 6.46 -2.03 -10.61
CA MET A 224 5.85 -3.09 -11.42
C MET A 224 6.15 -4.46 -10.83
N VAL A 225 7.30 -4.62 -10.17
CA VAL A 225 7.65 -5.87 -9.53
C VAL A 225 6.74 -6.12 -8.32
N CYS A 226 6.51 -5.09 -7.50
CA CYS A 226 5.47 -5.21 -6.45
C CYS A 226 4.10 -5.52 -7.05
N ALA A 227 3.82 -5.02 -8.25
CA ALA A 227 2.52 -5.20 -8.86
C ALA A 227 2.32 -6.60 -9.42
N ILE A 228 3.37 -7.44 -9.42
CA ILE A 228 3.22 -8.82 -9.87
C ILE A 228 2.17 -9.47 -8.99
N ASN A 229 1.24 -10.21 -9.60
CA ASN A 229 0.18 -10.90 -8.84
C ASN A 229 0.27 -12.42 -9.05
N PRO A 230 0.88 -13.15 -8.11
CA PRO A 230 1.07 -14.60 -8.27
C PRO A 230 -0.19 -15.44 -8.09
N SER A 231 -1.33 -14.84 -7.78
N SER A 231 -1.34 -14.83 -7.79
CA SER A 231 -2.53 -15.61 -7.41
CA SER A 231 -2.53 -15.59 -7.43
C SER A 231 -3.12 -16.32 -8.62
C SER A 231 -3.11 -16.32 -8.64
N ILE A 232 -3.23 -17.65 -8.55
CA ILE A 232 -3.96 -18.37 -9.58
C ILE A 232 -5.45 -18.36 -9.29
N ASP A 233 -5.82 -18.66 -8.05
CA ASP A 233 -7.20 -18.50 -7.60
C ASP A 233 -7.12 -18.07 -6.14
N LEU A 234 -8.23 -18.17 -5.42
CA LEU A 234 -8.20 -17.70 -4.04
C LEU A 234 -7.42 -18.63 -3.11
N HIS A 235 -7.18 -19.88 -3.52
CA HIS A 235 -6.45 -20.86 -2.70
C HIS A 235 -4.99 -21.05 -3.09
N THR A 236 -4.62 -20.67 -4.31
CA THR A 236 -3.42 -21.15 -4.96
C THR A 236 -2.67 -19.97 -5.57
N ASP A 237 -1.39 -19.85 -5.23
CA ASP A 237 -0.48 -18.93 -5.88
C ASP A 237 0.43 -19.72 -6.81
N SER A 238 0.93 -19.07 -7.87
CA SER A 238 2.01 -19.65 -8.68
C SER A 238 3.31 -19.55 -7.89
N LEU A 239 3.91 -20.68 -7.56
CA LEU A 239 5.18 -20.58 -6.82
C LEU A 239 6.27 -19.98 -7.69
N GLU A 240 6.26 -20.32 -8.98
CA GLU A 240 7.24 -19.74 -9.91
C GLU A 240 7.11 -18.21 -9.99
N LEU A 241 5.88 -17.66 -10.01
CA LEU A 241 5.73 -16.20 -9.98
C LEU A 241 6.20 -15.62 -8.65
N LEU A 242 5.85 -16.26 -7.55
CA LEU A 242 6.31 -15.74 -6.27
C LEU A 242 7.84 -15.67 -6.23
N GLN A 243 8.49 -16.73 -6.72
CA GLN A 243 9.95 -16.77 -6.71
C GLN A 243 10.53 -15.71 -7.63
N LEU A 244 9.90 -15.48 -8.78
CA LEU A 244 10.35 -14.41 -9.66
C LEU A 244 10.21 -13.06 -8.96
N GLN A 245 9.06 -12.81 -8.35
CA GLN A 245 8.88 -11.53 -7.66
C GLN A 245 9.92 -11.37 -6.55
N GLN A 246 10.20 -12.45 -5.82
CA GLN A 246 11.17 -12.31 -4.73
C GLN A 246 12.58 -12.07 -5.26
N LYS A 247 12.97 -12.81 -6.31
CA LYS A 247 14.28 -12.60 -6.93
C LYS A 247 14.42 -11.18 -7.44
N LEU A 248 13.38 -10.66 -8.08
CA LEU A 248 13.45 -9.28 -8.59
C LEU A 248 13.51 -8.27 -7.47
N LEU A 249 12.75 -8.49 -6.40
CA LEU A 249 12.85 -7.54 -5.29
C LEU A 249 14.24 -7.58 -4.65
N TRP A 250 14.87 -8.77 -4.53
CA TRP A 250 16.24 -8.78 -4.01
C TRP A 250 17.21 -8.06 -4.95
N LEU A 251 17.01 -8.18 -6.28
CA LEU A 251 17.88 -7.46 -7.20
C LEU A 251 17.76 -5.94 -6.99
N LEU A 252 16.54 -5.44 -6.89
CA LEU A 252 16.37 -4.00 -6.67
C LEU A 252 16.94 -3.60 -5.32
N TYR A 253 16.75 -4.44 -4.32
CA TYR A 253 17.31 -4.17 -3.01
C TYR A 253 18.82 -3.99 -3.09
N ASP A 254 19.51 -4.94 -3.74
CA ASP A 254 20.96 -4.93 -3.84
C ASP A 254 21.49 -3.71 -4.57
N LEU A 255 20.73 -3.20 -5.53
CA LEU A 255 21.13 -2.06 -6.33
C LEU A 255 20.76 -0.75 -5.67
N GLY A 256 20.09 -0.81 -4.52
CA GLY A 256 19.71 0.39 -3.79
C GLY A 256 18.37 0.98 -4.15
N HIS A 257 17.54 0.28 -4.91
CA HIS A 257 16.32 0.91 -5.44
C HIS A 257 15.09 0.70 -4.57
N LEU A 258 15.22 0.01 -3.44
CA LEU A 258 14.14 -0.05 -2.49
C LEU A 258 14.36 0.90 -1.33
N GLU A 259 15.45 1.68 -1.37
CA GLU A 259 15.86 2.56 -0.28
C GLU A 259 14.72 3.49 0.15
N ARG A 260 13.96 3.99 -0.82
CA ARG A 260 12.87 4.96 -0.62
C ARG A 260 11.49 4.34 -0.89
N TYR A 261 11.36 3.02 -0.71
CA TYR A 261 10.12 2.30 -1.01
C TYR A 261 9.72 1.38 0.15
N PRO A 262 9.21 1.98 1.24
CA PRO A 262 8.80 1.17 2.39
C PRO A 262 7.92 -0.03 2.07
N MET A 263 6.89 0.10 1.22
CA MET A 263 5.96 -1.02 1.02
C MET A 263 6.61 -2.17 0.25
N ALA A 264 7.60 -1.86 -0.61
CA ALA A 264 8.34 -2.92 -1.30
C ALA A 264 9.16 -3.73 -0.31
N LEU A 265 9.77 -3.05 0.67
CA LEU A 265 10.52 -3.76 1.71
C LEU A 265 9.60 -4.65 2.55
N GLY A 266 8.40 -4.16 2.87
CA GLY A 266 7.42 -5.02 3.54
C GLY A 266 6.94 -6.18 2.68
N ASN A 267 6.70 -5.92 1.39
CA ASN A 267 6.35 -7.00 0.46
C ASN A 267 7.44 -8.07 0.45
N LEU A 268 8.70 -7.64 0.38
CA LEU A 268 9.83 -8.58 0.32
C LEU A 268 9.93 -9.38 1.63
N ALA A 269 9.67 -8.71 2.75
CA ALA A 269 9.67 -9.42 4.03
C ALA A 269 8.55 -10.47 4.07
N ASP A 270 7.35 -10.12 3.60
CA ASP A 270 6.27 -11.09 3.58
C ASP A 270 6.65 -12.29 2.73
N LEU A 271 7.35 -12.06 1.61
CA LEU A 271 7.77 -13.19 0.77
C LEU A 271 8.81 -14.02 1.48
N GLU A 272 9.74 -13.35 2.18
CA GLU A 272 10.78 -14.09 2.86
C GLU A 272 10.20 -14.94 3.98
N GLU A 273 9.01 -14.57 4.48
CA GLU A 273 8.37 -15.33 5.54
C GLU A 273 7.87 -16.67 5.01
N LEU A 274 7.34 -16.66 3.78
CA LEU A 274 6.82 -17.86 3.15
C LEU A 274 7.93 -18.74 2.59
N GLU A 275 9.03 -18.13 2.12
CA GLU A 275 10.13 -18.86 1.48
C GLU A 275 11.42 -18.12 1.77
N PRO A 276 12.08 -18.42 2.88
CA PRO A 276 13.27 -17.65 3.24
C PRO A 276 14.37 -17.89 2.21
N THR A 277 14.90 -16.81 1.69
CA THR A 277 15.99 -16.95 0.75
C THR A 277 17.25 -17.26 1.54
N PRO A 278 17.88 -18.42 1.36
CA PRO A 278 19.10 -18.70 2.12
C PRO A 278 20.09 -17.56 1.95
N GLY A 279 20.69 -17.14 3.06
CA GLY A 279 21.66 -16.09 3.06
C GLY A 279 21.15 -14.66 3.10
N ARG A 280 19.84 -14.45 3.32
CA ARG A 280 19.29 -13.10 3.30
C ARG A 280 18.75 -12.72 4.68
N PRO A 281 18.67 -11.42 4.97
CA PRO A 281 18.16 -10.99 6.29
C PRO A 281 16.75 -11.50 6.56
N ASP A 282 16.42 -11.55 7.86
CA ASP A 282 15.14 -12.07 8.34
CA ASP A 282 15.14 -12.11 8.24
C ASP A 282 14.03 -11.08 8.01
N PRO A 283 12.78 -11.56 7.92
CA PRO A 283 11.66 -10.62 7.69
C PRO A 283 11.67 -9.47 8.66
N LEU A 284 11.96 -9.73 9.94
CA LEU A 284 11.85 -8.66 10.92
C LEU A 284 12.82 -7.54 10.60
N THR A 285 14.02 -7.89 10.13
CA THR A 285 14.98 -6.87 9.72
C THR A 285 14.43 -6.04 8.58
N LEU A 286 13.78 -6.71 7.60
CA LEU A 286 13.19 -6.00 6.47
C LEU A 286 12.03 -5.09 6.91
N TYR A 287 11.17 -5.57 7.79
CA TYR A 287 10.10 -4.68 8.28
C TYR A 287 10.66 -3.42 8.92
N HIS A 288 11.71 -3.57 9.73
CA HIS A 288 12.26 -2.40 10.39
C HIS A 288 12.97 -1.50 9.39
N LYS A 289 13.58 -2.08 8.34
CA LYS A 289 14.12 -1.23 7.27
C LYS A 289 13.00 -0.43 6.61
N GLY A 290 11.83 -1.02 6.42
CA GLY A 290 10.75 -0.26 5.81
C GLY A 290 10.30 0.90 6.67
N ILE A 291 10.22 0.68 7.99
CA ILE A 291 9.85 1.77 8.88
C ILE A 291 10.94 2.85 8.89
N ALA A 292 12.21 2.40 8.91
CA ALA A 292 13.36 3.30 8.82
C ALA A 292 13.30 4.14 7.56
N SER A 293 12.95 3.53 6.41
CA SER A 293 12.81 4.29 5.17
C SER A 293 11.69 5.34 5.29
N ALA A 294 10.56 4.95 5.89
CA ALA A 294 9.43 5.88 6.03
C ALA A 294 9.82 7.06 6.94
N LYS A 295 10.56 6.78 8.01
CA LYS A 295 11.09 7.85 8.85
C LYS A 295 12.08 8.74 8.10
N THR A 296 12.92 8.14 7.23
CA THR A 296 13.99 8.91 6.64
C THR A 296 13.49 9.81 5.51
N TYR A 297 12.63 9.25 4.64
CA TYR A 297 12.29 9.95 3.41
C TYR A 297 10.91 10.58 3.46
N TYR A 298 10.02 10.08 4.32
CA TYR A 298 8.61 10.47 4.25
C TYR A 298 8.10 10.96 5.59
N ARG A 299 8.99 11.47 6.45
CA ARG A 299 8.62 12.14 7.71
C ARG A 299 7.77 11.26 8.60
N ASP A 300 7.92 9.94 8.49
CA ASP A 300 7.13 9.02 9.31
C ASP A 300 5.63 9.22 9.14
N GLU A 301 5.18 9.49 7.90
CA GLU A 301 3.78 9.78 7.60
C GLU A 301 3.06 8.61 6.96
N HIS A 302 3.68 7.44 6.90
CA HIS A 302 3.12 6.27 6.26
C HIS A 302 2.58 5.29 7.32
N ILE A 303 1.51 4.64 6.95
CA ILE A 303 0.80 3.70 7.80
C ILE A 303 1.27 2.27 7.56
N TYR A 304 1.46 1.88 6.27
CA TYR A 304 1.70 0.44 6.07
C TYR A 304 3.01 -0.06 6.64
N PRO A 305 4.07 0.74 6.81
CA PRO A 305 5.28 0.11 7.39
C PRO A 305 5.00 -0.50 8.75
N TYR A 306 4.15 0.16 9.56
CA TYR A 306 3.80 -0.38 10.86
C TYR A 306 2.77 -1.50 10.74
N MET A 307 1.88 -1.41 9.77
CA MET A 307 0.90 -2.48 9.57
C MET A 307 1.58 -3.78 9.13
N TYR A 308 2.59 -3.69 8.25
CA TYR A 308 3.37 -4.88 7.89
C TYR A 308 3.94 -5.51 9.13
N LEU A 309 4.51 -4.67 9.99
CA LEU A 309 5.15 -5.21 11.20
C LEU A 309 4.12 -5.81 12.14
N ALA A 310 3.02 -5.11 12.38
CA ALA A 310 1.95 -5.67 13.19
C ALA A 310 1.45 -7.02 12.65
N GLY A 311 1.25 -7.11 11.33
CA GLY A 311 0.81 -8.38 10.75
C GLY A 311 1.76 -9.51 11.08
N TYR A 312 3.06 -9.27 10.93
CA TYR A 312 4.07 -10.25 11.27
C TYR A 312 3.94 -10.69 12.72
N HIS A 313 3.90 -9.72 13.65
CA HIS A 313 3.81 -10.06 15.08
C HIS A 313 2.51 -10.80 15.39
N CYS A 314 1.46 -10.42 14.69
CA CYS A 314 0.18 -11.09 14.85
C CYS A 314 0.27 -12.54 14.37
N ARG A 315 0.84 -12.78 13.17
CA ARG A 315 0.99 -14.15 12.69
C ARG A 315 1.83 -14.96 13.63
N ASN A 316 2.82 -14.34 14.28
CA ASN A 316 3.67 -15.06 15.20
C ASN A 316 3.20 -14.98 16.64
N ARG A 317 2.04 -14.37 16.90
CA ARG A 317 1.44 -14.39 18.25
C ARG A 317 2.27 -13.62 19.26
N ASN A 318 3.04 -12.63 18.81
CA ASN A 318 3.70 -11.69 19.73
C ASN A 318 2.65 -10.62 20.02
N VAL A 319 1.80 -10.86 21.04
CA VAL A 319 0.66 -9.96 21.28
C VAL A 319 1.14 -8.56 21.63
N ARG A 320 2.06 -8.46 22.58
CA ARG A 320 2.62 -7.15 22.96
C ARG A 320 3.16 -6.39 21.76
N GLU A 321 3.97 -7.05 20.94
CA GLU A 321 4.58 -6.33 19.84
C GLU A 321 3.56 -6.03 18.74
N ALA A 322 2.55 -6.87 18.56
CA ALA A 322 1.53 -6.49 17.58
C ALA A 322 0.81 -5.23 18.03
N LEU A 323 0.43 -5.18 19.31
CA LEU A 323 -0.31 -4.02 19.79
C LEU A 323 0.58 -2.76 19.76
N GLN A 324 1.88 -2.92 19.99
CA GLN A 324 2.80 -1.79 19.86
C GLN A 324 2.82 -1.26 18.43
N ALA A 325 2.92 -2.18 17.46
CA ALA A 325 2.91 -1.72 16.07
C ALA A 325 1.56 -1.10 15.67
N TRP A 326 0.44 -1.65 16.17
CA TRP A 326 -0.86 -1.03 15.86
C TRP A 326 -0.98 0.31 16.54
N ALA A 327 -0.48 0.42 17.78
CA ALA A 327 -0.44 1.75 18.43
C ALA A 327 0.38 2.74 17.59
N ASP A 328 1.51 2.29 17.04
CA ASP A 328 2.28 3.16 16.15
C ASP A 328 1.52 3.49 14.87
N THR A 329 0.72 2.55 14.35
CA THR A 329 -0.05 2.91 13.14
C THR A 329 -1.04 4.02 13.45
N ALA A 330 -1.70 3.94 14.60
CA ALA A 330 -2.64 5.00 14.98
C ALA A 330 -1.95 6.32 15.26
N THR A 331 -0.72 6.28 15.77
CA THR A 331 0.00 7.52 16.05
C THR A 331 0.32 8.25 14.75
N VAL A 332 0.47 7.50 13.65
CA VAL A 332 0.65 8.13 12.34
C VAL A 332 -0.68 8.70 11.84
N ILE A 333 -1.75 7.90 11.92
CA ILE A 333 -3.02 8.33 11.35
C ILE A 333 -3.60 9.50 12.10
N GLN A 334 -3.27 9.67 13.37
CA GLN A 334 -3.90 10.78 14.09
C GLN A 334 -3.48 12.14 13.54
N ASP A 335 -2.41 12.23 12.74
CA ASP A 335 -2.11 13.56 12.24
C ASP A 335 -2.68 13.80 10.85
N TYR A 336 -3.61 12.94 10.40
CA TYR A 336 -4.38 13.16 9.19
C TYR A 336 -5.81 13.55 9.57
N ASN A 337 -6.56 14.06 8.59
CA ASN A 337 -7.99 14.36 8.76
C ASN A 337 -8.77 13.36 7.92
N TYR A 338 -9.69 12.62 8.55
CA TYR A 338 -10.44 11.60 7.83
C TYR A 338 -11.24 12.23 6.70
N CYS A 339 -11.15 11.61 5.51
CA CYS A 339 -11.97 12.00 4.37
C CYS A 339 -12.53 10.70 3.76
N ARG A 340 -13.63 10.80 3.01
CA ARG A 340 -14.24 9.60 2.44
C ARG A 340 -13.29 8.85 1.52
N GLU A 341 -12.37 9.57 0.87
CA GLU A 341 -11.45 8.87 -0.03
C GLU A 341 -10.48 7.92 0.70
N ASP A 342 -10.43 8.01 2.03
CA ASP A 342 -9.54 7.24 2.88
C ASP A 342 -10.18 5.93 3.39
N GLU A 343 -11.26 5.49 2.77
CA GLU A 343 -12.03 4.34 3.24
C GLU A 343 -11.24 3.04 3.27
N GLU A 344 -10.25 2.88 2.40
CA GLU A 344 -9.48 1.64 2.42
C GLU A 344 -8.70 1.50 3.73
N ILE A 345 -8.02 2.56 4.19
CA ILE A 345 -7.32 2.42 5.47
C ILE A 345 -8.34 2.36 6.61
N TYR A 346 -9.49 3.01 6.45
CA TYR A 346 -10.54 2.92 7.47
C TYR A 346 -10.98 1.49 7.65
N LYS A 347 -11.24 0.80 6.53
CA LYS A 347 -11.63 -0.61 6.60
C LYS A 347 -10.54 -1.46 7.24
N GLU A 348 -9.26 -1.20 6.94
CA GLU A 348 -8.18 -1.95 7.59
C GLU A 348 -8.22 -1.72 9.11
N PHE A 349 -8.32 -0.46 9.55
CA PHE A 349 -8.37 -0.21 10.99
C PHE A 349 -9.60 -0.88 11.60
N PHE A 350 -10.74 -0.77 10.92
CA PHE A 350 -11.99 -1.41 11.38
C PHE A 350 -11.82 -2.91 11.59
N GLU A 351 -11.18 -3.60 10.63
CA GLU A 351 -10.99 -5.03 10.81
C GLU A 351 -9.97 -5.33 11.91
N VAL A 352 -8.90 -4.55 11.99
CA VAL A 352 -7.96 -4.75 13.10
C VAL A 352 -8.70 -4.60 14.44
N ALA A 353 -9.49 -3.50 14.60
CA ALA A 353 -10.14 -3.28 15.89
C ALA A 353 -11.19 -4.34 16.20
N ASN A 354 -11.98 -4.74 15.19
CA ASN A 354 -13.16 -5.53 15.46
C ASN A 354 -13.00 -7.01 15.14
N ASP A 355 -11.94 -7.40 14.42
CA ASP A 355 -11.73 -8.81 14.12
C ASP A 355 -10.37 -9.26 14.65
N VAL A 356 -9.27 -8.59 14.28
CA VAL A 356 -7.95 -9.17 14.54
C VAL A 356 -7.62 -9.09 16.04
N ILE A 357 -7.71 -7.89 16.61
CA ILE A 357 -7.37 -7.71 18.03
C ILE A 357 -8.26 -8.57 18.90
N PRO A 358 -9.59 -8.63 18.69
CA PRO A 358 -10.39 -9.52 19.54
C PRO A 358 -9.95 -10.95 19.50
N ASN A 359 -9.59 -11.45 18.31
CA ASN A 359 -9.18 -12.86 18.20
C ASN A 359 -7.87 -13.09 18.97
N LEU A 360 -6.93 -12.16 18.85
CA LEU A 360 -5.68 -12.28 19.62
C LEU A 360 -5.91 -12.23 21.11
N LEU A 361 -6.69 -11.24 21.60
CA LEU A 361 -6.90 -11.15 23.04
C LEU A 361 -7.77 -12.29 23.54
N LYS A 362 -8.63 -12.86 22.70
CA LYS A 362 -9.43 -13.98 23.17
C LYS A 362 -8.55 -15.19 23.47
N GLU A 363 -7.55 -15.42 22.62
CA GLU A 363 -6.62 -16.53 22.81
C GLU A 363 -5.75 -16.30 24.04
N ALA A 364 -5.23 -15.08 24.17
CA ALA A 364 -4.57 -14.70 25.43
C ALA A 364 -5.46 -14.91 26.65
N ALA A 365 -6.74 -14.52 26.59
CA ALA A 365 -7.60 -14.63 27.78
C ALA A 365 -7.83 -16.08 28.18
N SER A 366 -7.92 -16.97 27.19
CA SER A 366 -8.18 -18.38 27.49
CA SER A 366 -8.18 -18.38 27.49
C SER A 366 -7.03 -18.99 28.30
N LEU A 367 -5.80 -18.69 27.93
CA LEU A 367 -4.67 -19.23 28.71
C LEU A 367 -4.65 -18.62 30.11
N LEU A 368 -4.88 -17.31 30.19
CA LEU A 368 -4.83 -16.64 31.49
C LEU A 368 -5.91 -17.17 32.44
N GLU A 369 -7.13 -17.39 31.92
CA GLU A 369 -8.21 -17.96 32.71
C GLU A 369 -7.83 -19.34 33.29
N ALA A 370 -7.08 -20.15 32.55
CA ALA A 370 -6.59 -21.44 33.06
C ALA A 370 -5.64 -21.28 34.25
N GLY A 371 -5.05 -20.10 34.42
CA GLY A 371 -4.18 -19.80 35.56
C GLY A 371 -2.77 -19.42 35.17
N SER A 372 -2.41 -19.41 33.88
CA SER A 372 -1.04 -19.18 33.47
C SER A 372 -0.70 -17.68 33.54
N GLN A 373 0.41 -17.36 34.19
CA GLN A 373 0.82 -16.00 34.48
C GLN A 373 1.75 -15.44 33.41
N GLY A 374 2.05 -14.15 33.53
CA GLY A 374 2.89 -13.50 32.55
C GLY A 374 2.23 -13.19 31.23
N SER A 375 0.89 -13.12 31.21
CA SER A 375 0.13 -12.84 29.98
C SER A 375 0.30 -11.40 29.53
N ALA A 376 0.12 -11.17 28.22
CA ALA A 376 0.03 -9.81 27.70
C ALA A 376 -1.13 -9.06 28.35
N LEU A 377 -2.14 -9.80 28.80
CA LEU A 377 -3.29 -9.19 29.42
C LEU A 377 -2.96 -8.68 30.82
N GLN A 378 -1.78 -9.04 31.34
CA GLN A 378 -1.33 -8.56 32.64
C GLN A 378 -0.31 -7.42 32.52
N ASP A 379 -0.07 -6.96 31.30
CA ASP A 379 0.97 -5.98 31.01
C ASP A 379 0.34 -4.62 30.76
N PRO A 380 0.48 -3.65 31.68
CA PRO A 380 -0.17 -2.35 31.46
C PRO A 380 0.36 -1.64 30.22
N GLU A 381 1.56 -1.97 29.75
CA GLU A 381 2.05 -1.38 28.49
C GLU A 381 1.21 -1.86 27.31
N CYS A 382 0.72 -3.09 27.40
CA CYS A 382 -0.19 -3.63 26.39
CA CYS A 382 -0.16 -3.61 26.38
C CYS A 382 -1.50 -2.88 26.37
N PHE A 383 -2.10 -2.71 27.53
CA PHE A 383 -3.33 -1.94 27.65
C PHE A 383 -3.12 -0.52 27.11
N ALA A 384 -2.00 0.10 27.46
CA ALA A 384 -1.74 1.45 26.96
C ALA A 384 -1.66 1.50 25.43
N HIS A 385 -1.07 0.47 24.82
CA HIS A 385 -1.04 0.45 23.35
C HIS A 385 -2.43 0.29 22.77
N LEU A 386 -3.26 -0.56 23.40
CA LEU A 386 -4.64 -0.67 22.93
C LEU A 386 -5.33 0.69 22.97
N LEU A 387 -5.10 1.46 24.04
CA LEU A 387 -5.75 2.77 24.15
C LEU A 387 -5.21 3.76 23.14
N ARG A 388 -3.89 3.76 22.92
CA ARG A 388 -3.32 4.64 21.92
C ARG A 388 -3.85 4.32 20.54
N PHE A 389 -4.03 3.01 20.24
CA PHE A 389 -4.63 2.62 18.96
C PHE A 389 -6.01 3.25 18.78
N TYR A 390 -6.90 3.09 19.76
CA TYR A 390 -8.21 3.73 19.62
C TYR A 390 -8.06 5.24 19.57
N ASP A 391 -7.18 5.83 20.42
CA ASP A 391 -7.13 7.28 20.46
C ASP A 391 -6.74 7.87 19.11
N GLY A 392 -5.73 7.29 18.45
CA GLY A 392 -5.29 7.83 17.16
C GLY A 392 -6.39 7.81 16.10
N ILE A 393 -7.15 6.71 16.06
CA ILE A 393 -8.25 6.58 15.11
C ILE A 393 -9.33 7.63 15.42
N CYS A 394 -9.63 7.83 16.70
CA CYS A 394 -10.60 8.86 17.06
C CYS A 394 -10.13 10.25 16.65
N LYS A 395 -8.85 10.55 16.91
CA LYS A 395 -8.35 11.89 16.55
C LYS A 395 -8.46 12.12 15.06
N TRP A 396 -8.08 11.12 14.27
CA TRP A 396 -8.21 11.17 12.80
C TRP A 396 -9.64 11.52 12.38
N GLU A 397 -10.61 10.82 12.96
CA GLU A 397 -12.02 11.07 12.67
C GLU A 397 -12.43 12.50 13.08
N GLU A 398 -11.89 13.01 14.19
CA GLU A 398 -12.24 14.36 14.65
C GLU A 398 -11.77 15.45 13.71
N GLY A 399 -10.78 15.17 12.86
CA GLY A 399 -10.32 16.11 11.86
C GLY A 399 -11.18 16.22 10.61
N SER A 400 -12.22 15.37 10.50
CA SER A 400 -13.17 15.31 9.38
C SER A 400 -14.19 16.44 9.48
N PRO A 401 -15.28 16.43 8.66
CA PRO A 401 -16.44 17.29 8.98
C PRO A 401 -17.53 16.55 9.74
N THR A 402 -18.15 15.53 9.13
CA THR A 402 -19.29 14.85 9.75
C THR A 402 -18.86 13.54 10.38
N PRO A 403 -19.08 13.32 11.70
CA PRO A 403 -18.71 12.04 12.31
C PRO A 403 -19.58 10.87 11.87
N VAL A 404 -20.22 10.22 12.84
CA VAL A 404 -21.15 9.10 12.66
C VAL A 404 -20.44 7.89 12.02
N LEU A 405 -19.38 7.38 12.67
CA LEU A 405 -18.67 6.19 12.17
C LEU A 405 -19.10 5.00 13.04
N HIS A 406 -20.11 4.28 12.57
CA HIS A 406 -20.77 3.38 13.48
C HIS A 406 -19.99 2.10 13.60
N VAL A 407 -20.47 1.29 14.49
CA VAL A 407 -20.32 -0.11 14.22
C VAL A 407 -19.05 -0.50 14.87
N GLY A 408 -18.73 -1.77 14.76
CA GLY A 408 -17.50 -2.30 15.24
C GLY A 408 -17.14 -1.70 16.55
N TRP A 409 -16.96 -0.37 16.47
CA TRP A 409 -16.08 0.29 17.40
C TRP A 409 -16.60 0.04 18.80
N ALA A 410 -17.89 0.32 19.11
CA ALA A 410 -18.25 0.33 20.54
C ALA A 410 -18.23 -1.06 21.15
N THR A 411 -18.90 -2.04 20.48
CA THR A 411 -19.03 -3.37 21.06
C THR A 411 -17.66 -4.00 21.31
N PHE A 412 -16.76 -3.91 20.33
CA PHE A 412 -15.47 -4.58 20.56
C PHE A 412 -14.51 -3.75 21.38
N LEU A 413 -14.68 -2.43 21.42
CA LEU A 413 -13.86 -1.66 22.37
C LEU A 413 -14.18 -2.13 23.78
N VAL A 414 -15.48 -2.19 24.11
CA VAL A 414 -15.86 -2.61 25.46
C VAL A 414 -15.34 -4.01 25.74
N GLN A 415 -15.46 -4.90 24.76
CA GLN A 415 -15.00 -6.27 24.97
C GLN A 415 -13.50 -6.31 25.20
N SER A 416 -12.75 -5.62 24.35
CA SER A 416 -11.29 -5.67 24.47
C SER A 416 -10.86 -5.03 25.78
N LEU A 417 -11.47 -3.90 26.16
CA LEU A 417 -11.14 -3.33 27.48
C LEU A 417 -11.30 -4.37 28.58
N GLY A 418 -12.39 -5.13 28.56
CA GLY A 418 -12.66 -6.06 29.62
C GLY A 418 -11.77 -7.28 29.63
N ARG A 419 -10.96 -7.47 28.59
CA ARG A 419 -9.98 -8.55 28.62
C ARG A 419 -8.87 -8.26 29.62
N PHE A 420 -8.68 -7.01 30.00
CA PHE A 420 -7.66 -6.63 30.98
C PHE A 420 -8.32 -6.39 32.33
N GLU A 421 -7.79 -7.00 33.38
CA GLU A 421 -8.35 -6.84 34.71
C GLU A 421 -8.11 -5.42 35.21
N GLY A 422 -9.00 -4.98 36.12
CA GLY A 422 -8.93 -3.64 36.69
C GLY A 422 -7.55 -3.27 37.17
N GLN A 423 -6.90 -4.21 37.87
CA GLN A 423 -5.60 -3.91 38.48
C GLN A 423 -4.53 -3.68 37.44
N VAL A 424 -4.70 -4.20 36.23
CA VAL A 424 -3.75 -3.87 35.17
C VAL A 424 -4.10 -2.52 34.56
N ARG A 425 -5.39 -2.31 34.26
CA ARG A 425 -5.83 -1.07 33.62
C ARG A 425 -5.49 0.13 34.48
N GLN A 426 -5.58 -0.05 35.79
CA GLN A 426 -5.35 1.03 36.73
C GLN A 426 -3.88 1.50 36.75
N LYS A 427 -2.95 0.67 36.30
CA LYS A 427 -1.53 1.04 36.30
C LYS A 427 -1.13 2.00 35.18
N VAL A 428 -2.00 2.27 34.21
CA VAL A 428 -1.63 3.14 33.12
C VAL A 428 -1.90 4.56 33.59
N ARG A 429 -0.93 5.44 33.49
CA ARG A 429 -1.16 6.83 33.86
C ARG A 429 -1.51 7.60 32.59
N ILE A 430 -2.67 8.23 32.58
CA ILE A 430 -3.10 8.99 31.42
C ILE A 430 -2.91 10.47 31.78
N VAL A 431 -1.87 11.08 31.23
CA VAL A 431 -1.45 12.43 31.58
C VAL A 431 -1.95 13.41 30.52
N SER A 432 -2.44 14.55 30.98
CA SER A 432 -2.89 15.61 30.08
C SER A 432 -1.71 16.48 29.71
N VAL A 433 -1.77 17.05 28.51
CA VAL A 433 -0.78 18.02 28.09
C VAL A 433 -1.49 19.29 27.61
N PRO A 434 -1.17 20.48 28.17
CA PRO A 434 -0.21 20.67 29.26
C PRO A 434 -0.68 20.14 30.61
N PRO A 445 3.36 2.50 32.68
CA PRO A 445 3.24 3.17 31.38
C PRO A 445 2.49 4.50 31.47
N VAL A 446 2.75 5.36 30.50
CA VAL A 446 2.23 6.71 30.51
C VAL A 446 1.70 7.01 29.11
N LEU A 447 0.54 7.63 29.07
CA LEU A 447 -0.21 7.84 27.84
C LEU A 447 -0.78 9.26 27.88
N THR A 448 -0.73 9.95 26.76
CA THR A 448 -1.42 11.22 26.59
C THR A 448 -2.43 11.06 25.46
N PHE A 449 -3.70 11.33 25.75
CA PHE A 449 -4.70 11.21 24.69
C PHE A 449 -4.73 12.49 23.87
N GLN A 450 -4.90 12.35 22.54
CA GLN A 450 -5.06 13.50 21.65
C GLN A 450 -6.52 13.74 21.24
N SER A 451 -7.38 12.71 21.30
CA SER A 451 -8.75 12.80 20.82
C SER A 451 -9.66 13.23 21.96
N GLU A 452 -10.62 14.08 21.60
CA GLU A 452 -11.59 14.46 22.64
C GLU A 452 -12.42 13.25 23.08
N LYS A 453 -12.70 12.30 22.17
CA LYS A 453 -13.50 11.14 22.59
C LYS A 453 -12.78 10.35 23.67
N MET A 454 -11.47 10.06 23.49
CA MET A 454 -10.80 9.28 24.52
C MET A 454 -10.49 10.09 25.78
N LYS A 455 -10.21 11.40 25.63
CA LYS A 455 -9.99 12.21 26.82
C LYS A 455 -11.17 12.11 27.76
N GLY A 456 -12.39 12.06 27.20
CA GLY A 456 -13.57 11.98 28.06
C GLY A 456 -13.78 10.63 28.68
N MET A 457 -13.07 9.60 28.18
CA MET A 457 -13.26 8.24 28.67
C MET A 457 -12.29 7.86 29.76
N LYS A 458 -11.34 8.73 30.08
CA LYS A 458 -10.17 8.36 30.87
C LYS A 458 -10.57 7.62 32.15
N GLU A 459 -11.50 8.18 32.94
CA GLU A 459 -11.81 7.52 34.20
C GLU A 459 -12.67 6.26 33.99
N LEU A 460 -13.43 6.17 32.91
CA LEU A 460 -14.16 4.95 32.62
C LEU A 460 -13.23 3.80 32.28
N LEU A 461 -12.02 4.09 31.77
CA LEU A 461 -11.15 3.02 31.29
C LEU A 461 -10.44 2.29 32.41
N VAL A 462 -10.38 2.88 33.59
CA VAL A 462 -9.63 2.33 34.71
C VAL A 462 -10.53 1.98 35.88
N ALA A 463 -11.84 2.00 35.66
CA ALA A 463 -12.77 1.53 36.67
C ALA A 463 -12.62 0.04 36.88
N THR A 464 -12.93 -0.40 38.10
CA THR A 464 -12.85 -1.82 38.39
C THR A 464 -13.81 -2.59 37.51
N LYS A 465 -15.00 -2.04 37.29
CA LYS A 465 -15.99 -2.65 36.42
C LYS A 465 -16.15 -1.73 35.23
N ILE A 466 -15.98 -2.29 34.04
CA ILE A 466 -16.10 -1.54 32.80
C ILE A 466 -17.56 -1.19 32.62
N ASN A 467 -17.85 0.10 32.50
CA ASN A 467 -19.24 0.56 32.41
C ASN A 467 -19.58 0.63 30.91
N SER A 468 -20.21 -0.41 30.40
CA SER A 468 -20.38 -0.56 28.96
C SER A 468 -21.26 0.55 28.37
N SER A 469 -22.36 0.89 29.04
CA SER A 469 -23.25 1.90 28.50
C SER A 469 -22.58 3.28 28.47
N ALA A 470 -21.84 3.62 29.53
CA ALA A 470 -21.18 4.93 29.57
C ALA A 470 -20.09 5.03 28.51
N ILE A 471 -19.34 3.95 28.28
CA ILE A 471 -18.30 3.99 27.26
CA ILE A 471 -18.30 4.02 27.26
C ILE A 471 -18.90 4.17 25.88
N LYS A 472 -19.99 3.46 25.59
CA LYS A 472 -20.66 3.61 24.29
C LYS A 472 -21.21 5.03 24.07
N LEU A 473 -21.80 5.61 25.12
CA LEU A 473 -22.28 6.98 25.05
C LEU A 473 -21.15 7.92 24.66
N GLN A 474 -19.99 7.72 25.26
CA GLN A 474 -18.87 8.61 25.00
C GLN A 474 -18.28 8.34 23.62
N LEU A 475 -18.25 7.09 23.20
CA LEU A 475 -17.57 6.79 21.96
C LEU A 475 -18.42 7.21 20.76
N THR A 476 -19.74 7.14 20.90
CA THR A 476 -20.71 7.50 19.87
C THR A 476 -21.23 8.94 19.97
N ALA A 477 -20.84 9.69 21.00
CA ALA A 477 -21.32 11.05 21.22
C ALA A 477 -22.84 11.09 21.34
N GLN A 478 -23.42 9.92 21.65
CA GLN A 478 -24.81 9.83 22.07
C GLN A 478 -24.95 10.53 23.41
N SER A 479 -25.99 11.33 23.56
CA SER A 479 -26.17 12.12 24.75
C SER A 479 -27.33 11.66 25.62
N GLN A 480 -28.02 10.58 25.25
CA GLN A 480 -29.26 10.19 25.91
C GLN A 480 -29.36 8.67 26.03
N VAL A 481 -30.12 8.23 27.03
CA VAL A 481 -30.34 6.82 27.28
C VAL A 481 -31.79 6.46 26.95
N GLN A 482 -32.02 5.16 26.91
CA GLN A 482 -33.35 4.57 26.75
C GLN A 482 -34.38 5.21 27.68
N MET A 483 -35.48 5.70 27.09
CA MET A 483 -36.56 6.30 27.86
C MET A 483 -37.13 5.35 28.90
N LYS A 484 -36.94 4.04 28.73
CA LYS A 484 -37.48 3.03 29.62
C LYS A 484 -36.75 1.70 29.42
C4 EEV B . 2.31 0.06 -3.61
C5 EEV B . 1.23 -0.37 -2.92
C6 EEV B . 1.38 -1.51 -2.17
N1 EEV B . 2.52 -2.21 -2.18
N3 EEV B . 3.47 -0.65 -3.65
C2 EEV B . 3.61 -1.83 -2.91
CAA EEV B . 0.49 -6.21 4.90
CAG EEV B . -2.23 -5.49 9.57
CAI EEV B . -2.96 -5.54 3.67
CAJ EEV B . -3.61 -5.35 4.93
CAK EEV B . 0.15 0.47 -3.05
CAL EEV B . -1.13 -5.79 7.36
CAM EEV B . -0.05 -2.62 0.97
CAN EEV B . -0.52 -4.24 -0.86
CAO EEV B . -0.10 -3.88 1.97
CAP EEV B . -0.39 -5.39 0.14
CAQ EEV B . -5.69 -8.45 8.59
CAR EEV B . -7.01 -5.95 8.05
CAS EEV B . -0.95 -6.05 2.35
CAT EEV B . -0.64 2.60 -4.29
CAU EEV B . -4.67 -5.02 7.83
CBB EEV B . -7.10 -8.38 8.44
CBC EEV B . -0.90 -5.95 4.88
CBD EEV B . 0.37 1.50 -3.88
CBE EEV B . -2.21 -5.56 8.12
CBF EEV B . -1.60 -5.84 3.65
CBH EEV B . -1.55 -5.74 6.05
CBK EEV B . -2.88 -5.43 6.07
CBL EEV B . 0.41 -3.06 -0.43
CBM EEV B . -5.52 -6.30 7.81
CBP EEV B . -1.25 2.26 -5.73
FAD EEV B . -0.37 2.26 -6.63
FAE EEV B . -1.73 1.03 -5.83
FAF EEV B . -2.20 3.20 -6.09
NAB EEV B . -2.25 -5.44 10.69
NAX EEV B . -7.79 -7.23 8.12
NAY EEV B . 0.35 -1.93 -1.39
NBN EEV B . -0.95 -4.97 1.48
NBO EEV B . -3.28 -5.33 7.37
OAC EEV B . -7.77 -9.41 8.50
OAZ EEV B . -5.06 -7.16 8.74
SBA EEV B . 1.96 1.44 -4.49
S DMS C . 0.28 -1.84 -5.99
O DMS C . -0.62 -2.58 -5.03
C1 DMS C . 1.87 -2.72 -6.05
C2 DMS C . -0.26 -2.19 -7.68
S DMS D . 3.62 -20.68 -23.83
O DMS D . 3.06 -20.59 -22.44
C1 DMS D . 2.30 -20.69 -25.06
C2 DMS D . 4.60 -19.20 -24.19
S DMS E . -21.56 -1.29 17.65
O DMS E . -21.64 0.03 18.38
C1 DMS E . -19.92 -1.92 17.75
C2 DMS E . -22.54 -2.60 18.31
O1 PG4 F . 16.81 -23.10 -10.23
C1 PG4 F . 16.40 -24.36 -10.69
C2 PG4 F . 15.12 -24.73 -9.96
O2 PG4 F . 14.83 -26.09 -10.15
C3 PG4 F . 13.58 -26.47 -9.63
C4 PG4 F . 12.49 -26.22 -10.67
O3 PG4 F . 12.97 -26.46 -11.97
C5 PG4 F . 11.98 -27.04 -12.77
C6 PG4 F . 11.87 -26.51 -14.21
O4 PG4 F . 13.07 -26.27 -14.86
C7 PG4 F . 13.01 -25.82 -16.18
C8 PG4 F . 14.31 -25.06 -16.45
O5 PG4 F . 14.06 -23.70 -16.35
O1 PG4 G . -3.71 -11.46 10.51
C1 PG4 G . -2.38 -11.43 10.09
C2 PG4 G . -2.08 -10.09 9.42
O2 PG4 G . -2.75 -9.99 8.21
C3 PG4 G . -2.18 -9.09 7.29
C4 PG4 G . -2.06 -9.81 5.95
O3 PG4 G . -2.94 -9.24 5.03
C5 PG4 G . -4.27 -9.53 5.30
C6 PG4 G . -5.17 -8.84 4.28
O4 PG4 G . -6.49 -8.89 4.75
C7 PG4 G . -6.96 -10.18 5.06
C8 PG4 G . -8.31 -10.42 4.38
O5 PG4 G . -9.07 -11.35 5.12
S SO4 H . -14.29 -8.56 -17.22
O1 SO4 H . -15.58 -7.90 -17.30
O2 SO4 H . -13.46 -8.01 -16.14
O3 SO4 H . -14.48 -9.99 -16.96
O4 SO4 H . -13.62 -8.36 -18.50
S SO4 I . -15.61 -14.76 25.01
O1 SO4 I . -16.22 -13.67 25.73
O2 SO4 I . -14.48 -15.32 25.77
O3 SO4 I . -15.12 -14.31 23.70
O4 SO4 I . -16.60 -15.81 24.78
S SO4 J . 14.40 15.47 -22.28
O1 SO4 J . 15.54 15.78 -21.43
O2 SO4 J . 14.15 16.58 -23.21
O3 SO4 J . 13.20 15.27 -21.48
O4 SO4 J . 14.70 14.27 -23.06
C1 EDO K . -13.51 4.14 -13.22
O1 EDO K . -13.42 3.41 -14.45
C2 EDO K . -14.74 3.69 -12.47
O2 EDO K . -14.64 2.30 -12.21
#